data_2EUU
#
_entry.id   2EUU
#
_cell.length_a   43.675
_cell.length_b   73.521
_cell.length_c   104.674
_cell.angle_alpha   90.00
_cell.angle_beta   90.00
_cell.angle_gamma   90.00
#
_symmetry.space_group_name_H-M   'P 21 21 21'
#
loop_
_entity.id
_entity.type
_entity.pdbx_description
1 polymer 'cytochrome c peroxidase'
2 non-polymer 'PROTOPORPHYRIN IX CONTAINING FE'
3 non-polymer 1H-IMIDAZOL-2-YLMETHANOL
4 water water
#
_entity_poly.entity_id   1
_entity_poly.type   'polypeptide(L)'
_entity_poly.pdbx_seq_one_letter_code
;MKTLVHVASVEKGRSYEDFQKVYNAIALKLREDDEYDNYIGYGPVLVRLAWHISGTWDKHDNTGGSYGGTYRFKKEFNDP
SNAGLQNGFKFLEPIHKEFPWISSGDLFSLGGVTAVQEMQGPKIPWRCGRVDTPEDTTPDNGRLPDADKDAGYVRTFFQR
LNMNDREVVALMGAHALGKTHLKNSGYEGPGGAANNVFTNEFYLNLLNEDWKLEKNDANNEQWDSKSGYMMLPTDYSLIQ
DPKYLSIVKEYANDQDKFFKDFSKAFEKLLENGITFPKDAPSPFIFKTLEEQGL
;
_entity_poly.pdbx_strand_id   A
#
loop_
_chem_comp.id
_chem_comp.type
_chem_comp.name
_chem_comp.formula
BVG non-polymer 1H-IMIDAZOL-2-YLMETHANOL 'C4 H6 N2 O'
HEM non-polymer 'PROTOPORPHYRIN IX CONTAINING FE' 'C34 H32 Fe N4 O4'
#
# COMPACT_ATOMS: atom_id res chain seq x y z
N LEU A 4 -1.98 5.36 24.72
CA LEU A 4 -0.73 5.44 23.93
C LEU A 4 -0.87 6.56 22.88
N VAL A 5 -0.04 7.59 22.98
CA VAL A 5 -0.02 8.67 21.96
C VAL A 5 1.31 8.63 21.25
N HIS A 6 1.27 8.76 19.92
CA HIS A 6 2.47 8.87 19.12
C HIS A 6 2.50 10.22 18.44
N VAL A 7 3.33 11.12 18.96
CA VAL A 7 3.42 12.47 18.41
C VAL A 7 4.51 12.49 17.34
N ALA A 8 4.16 12.96 16.16
CA ALA A 8 5.11 13.13 15.08
C ALA A 8 6.23 14.08 15.51
N SER A 9 7.47 13.68 15.28
CA SER A 9 8.65 14.46 15.62
C SER A 9 9.57 14.52 14.39
N VAL A 10 9.67 15.70 13.80
CA VAL A 10 10.45 15.87 12.60
C VAL A 10 11.90 15.49 12.86
N GLU A 11 12.46 14.68 11.97
CA GLU A 11 13.89 14.34 12.06
C GLU A 11 14.68 15.64 12.17
N LYS A 12 15.57 15.73 13.17
CA LYS A 12 16.08 17.03 13.59
C LYS A 12 16.82 17.74 12.46
N GLY A 13 16.38 18.96 12.18
CA GLY A 13 16.99 19.82 11.18
C GLY A 13 16.63 19.57 9.73
N ARG A 14 15.67 18.66 9.47
CA ARG A 14 15.32 18.28 8.11
C ARG A 14 14.09 19.05 7.65
N SER A 15 14.06 19.31 6.35
CA SER A 15 12.97 20.02 5.72
C SER A 15 12.57 19.30 4.43
N TYR A 16 11.57 19.86 3.76
CA TYR A 16 11.06 19.31 2.52
C TYR A 16 12.14 18.82 1.56
N GLU A 17 13.14 19.64 1.33
CA GLU A 17 14.18 19.34 0.33
C GLU A 17 14.96 18.08 0.69
N ASP A 18 15.19 17.86 1.98
CA ASP A 18 15.83 16.64 2.44
C ASP A 18 15.00 15.41 2.07
N PHE A 19 13.69 15.46 2.32
CA PHE A 19 12.84 14.33 1.99
C PHE A 19 12.67 14.16 0.49
N GLN A 20 12.69 15.25 -0.27
CA GLN A 20 12.65 15.14 -1.74
C GLN A 20 13.88 14.35 -2.24
N LYS A 21 15.02 14.52 -1.57
CA LYS A 21 16.23 13.78 -1.97
C LYS A 21 16.04 12.27 -1.73
N VAL A 22 15.35 11.92 -0.66
CA VAL A 22 15.09 10.50 -0.36
C VAL A 22 14.12 9.94 -1.41
N TYR A 23 13.03 10.68 -1.66
CA TYR A 23 12.09 10.36 -2.73
C TYR A 23 12.86 10.10 -4.04
N ASN A 24 13.74 11.04 -4.39
CA ASN A 24 14.48 10.92 -5.64
C ASN A 24 15.34 9.65 -5.69
N ALA A 25 15.98 9.30 -4.58
CA ALA A 25 16.80 8.09 -4.54
C ALA A 25 15.93 6.84 -4.75
N ILE A 26 14.78 6.79 -4.11
CA ILE A 26 13.85 5.66 -4.28
C ILE A 26 13.42 5.58 -5.74
N ALA A 27 13.08 6.73 -6.31
CA ALA A 27 12.58 6.81 -7.68
C ALA A 27 13.65 6.42 -8.70
N LEU A 28 14.88 6.85 -8.46
CA LEU A 28 15.99 6.47 -9.35
C LEU A 28 16.26 4.96 -9.30
N LYS A 29 16.20 4.36 -8.11
CA LYS A 29 16.35 2.91 -7.97
C LYS A 29 15.19 2.13 -8.60
N LEU A 30 13.97 2.67 -8.47
CA LEU A 30 12.81 2.07 -9.16
C LEU A 30 13.06 2.02 -10.68
N ARG A 31 13.57 3.10 -11.23
CA ARG A 31 13.89 3.19 -12.65
C ARG A 31 14.95 2.16 -13.05
N GLU A 32 15.98 2.03 -12.22
CA GLU A 32 17.11 1.15 -12.51
C GLU A 32 16.73 -0.33 -12.42
N ASP A 33 15.95 -0.72 -11.43
CA ASP A 33 15.68 -2.12 -11.13
C ASP A 33 14.45 -2.60 -11.86
N ASP A 34 14.44 -2.45 -13.17
CA ASP A 34 13.22 -2.68 -13.93
C ASP A 34 12.95 -4.14 -14.27
N GLU A 35 13.89 -5.04 -13.95
CA GLU A 35 13.72 -6.46 -14.31
C GLU A 35 12.98 -7.27 -13.22
N TYR A 36 12.87 -6.73 -12.02
CA TYR A 36 12.31 -7.43 -10.88
C TYR A 36 10.90 -7.95 -11.18
N ASP A 37 10.67 -9.21 -10.79
CA ASP A 37 9.36 -9.86 -10.88
C ASP A 37 8.88 -9.87 -12.33
N ASN A 38 9.72 -10.41 -13.20
CA ASN A 38 9.42 -10.52 -14.63
C ASN A 38 9.03 -9.16 -15.23
N TYR A 39 9.85 -8.17 -14.91
CA TYR A 39 9.79 -6.86 -15.53
C TYR A 39 8.63 -5.97 -15.04
N ILE A 40 8.01 -6.35 -13.93
CA ILE A 40 7.04 -5.46 -13.29
C ILE A 40 7.76 -4.29 -12.61
N GLY A 41 8.93 -4.56 -12.05
CA GLY A 41 9.65 -3.57 -11.24
C GLY A 41 9.16 -3.59 -9.80
N TYR A 42 9.79 -2.80 -8.94
CA TYR A 42 9.50 -2.79 -7.50
C TYR A 42 8.34 -1.90 -7.06
N GLY A 43 7.68 -1.20 -7.97
CA GLY A 43 6.64 -0.28 -7.57
C GLY A 43 5.53 -0.94 -6.75
N PRO A 44 4.92 -1.98 -7.29
CA PRO A 44 3.84 -2.67 -6.56
C PRO A 44 4.24 -3.20 -5.17
N VAL A 45 5.39 -3.86 -5.03
CA VAL A 45 5.75 -4.42 -3.74
C VAL A 45 6.01 -3.29 -2.72
N LEU A 46 6.50 -2.14 -3.18
CA LEU A 46 6.67 -1.01 -2.26
C LEU A 46 5.34 -0.42 -1.77
N VAL A 47 4.34 -0.40 -2.64
CA VAL A 47 3.00 0.02 -2.24
C VAL A 47 2.43 -0.96 -1.21
N ARG A 48 2.58 -2.27 -1.47
CA ARG A 48 2.11 -3.28 -0.52
C ARG A 48 2.84 -3.16 0.83
N LEU A 49 4.15 -2.91 0.81
CA LEU A 49 4.92 -2.74 2.03
C LEU A 49 4.38 -1.58 2.86
N ALA A 50 4.18 -0.43 2.21
CA ALA A 50 3.68 0.75 2.91
C ALA A 50 2.32 0.47 3.56
N TRP A 51 1.48 -0.29 2.86
CA TRP A 51 0.18 -0.67 3.40
C TRP A 51 0.30 -1.67 4.55
N HIS A 52 1.15 -2.68 4.45
CA HIS A 52 1.24 -3.68 5.52
C HIS A 52 1.88 -3.14 6.79
N ILE A 53 2.79 -2.19 6.67
CA ILE A 53 3.37 -1.58 7.88
C ILE A 53 2.38 -0.65 8.58
N SER A 54 1.39 -0.16 7.82
CA SER A 54 0.31 0.68 8.33
C SER A 54 -0.91 -0.10 8.83
N GLY A 55 -1.21 -1.22 8.18
CA GLY A 55 -2.43 -1.96 8.39
C GLY A 55 -2.50 -2.79 9.66
N THR A 56 -1.41 -2.84 10.42
CA THR A 56 -1.42 -3.46 11.77
C THR A 56 -2.09 -2.57 12.81
N TRP A 57 -2.46 -1.35 12.45
CA TRP A 57 -3.01 -0.41 13.43
C TRP A 57 -4.31 -0.91 14.03
N ASP A 58 -4.47 -0.68 15.34
CA ASP A 58 -5.73 -0.94 16.01
C ASP A 58 -6.22 0.36 16.64
N LYS A 59 -7.34 0.89 16.16
CA LYS A 59 -7.84 2.18 16.62
C LYS A 59 -8.24 2.17 18.09
N HIS A 60 -8.48 0.98 18.63
CA HIS A 60 -8.97 0.88 20.03
C HIS A 60 -7.88 1.20 21.03
N ASP A 61 -6.64 0.83 20.75
CA ASP A 61 -5.52 1.08 21.70
C ASP A 61 -4.27 1.74 21.12
N ASN A 62 -4.35 2.16 19.85
CA ASN A 62 -3.22 2.75 19.13
C ASN A 62 -1.95 1.89 19.09
N THR A 63 -2.14 0.58 19.10
CA THR A 63 -1.01 -0.29 18.84
C THR A 63 -0.84 -0.49 17.33
N GLY A 64 0.34 -0.94 16.91
CA GLY A 64 0.67 -1.06 15.51
C GLY A 64 0.70 0.28 14.78
N GLY A 65 0.46 0.23 13.47
CA GLY A 65 0.53 1.40 12.62
C GLY A 65 1.95 1.69 12.16
N SER A 66 2.06 2.67 11.26
CA SER A 66 3.33 2.97 10.61
C SER A 66 4.36 3.63 11.52
N TYR A 67 3.91 4.23 12.62
CA TYR A 67 4.75 5.16 13.38
C TYR A 67 6.07 4.56 13.83
N GLY A 68 6.04 3.35 14.39
CA GLY A 68 7.19 2.83 15.10
C GLY A 68 8.24 2.13 14.22
N GLY A 69 7.95 1.93 12.94
CA GLY A 69 8.88 1.26 12.05
C GLY A 69 9.18 -0.17 12.43
N THR A 70 8.20 -0.83 13.04
CA THR A 70 8.45 -2.14 13.69
C THR A 70 8.60 -3.30 12.72
N TYR A 71 8.30 -3.09 11.43
CA TYR A 71 8.54 -4.10 10.41
C TYR A 71 10.02 -4.55 10.40
N ARG A 72 10.95 -3.69 10.85
CA ARG A 72 12.36 -4.06 10.93
C ARG A 72 12.66 -5.18 11.93
N PHE A 73 11.71 -5.48 12.80
CA PHE A 73 11.89 -6.55 13.80
C PHE A 73 11.34 -7.89 13.30
N LYS A 74 12.00 -8.98 13.69
CA LYS A 74 11.72 -10.29 13.11
C LYS A 74 10.29 -10.77 13.29
N LYS A 75 9.65 -10.47 14.42
CA LYS A 75 8.29 -10.96 14.60
C LYS A 75 7.42 -10.46 13.44
N GLU A 76 7.52 -9.17 13.10
CA GLU A 76 6.68 -8.61 12.05
C GLU A 76 7.19 -8.93 10.62
N PHE A 77 8.50 -8.83 10.39
CA PHE A 77 9.14 -9.19 9.14
C PHE A 77 8.75 -10.64 8.71
N ASN A 78 8.60 -11.53 9.71
CA ASN A 78 8.32 -12.95 9.46
C ASN A 78 6.83 -13.29 9.52
N ASP A 79 5.96 -12.30 9.69
CA ASP A 79 4.52 -12.53 9.63
C ASP A 79 4.21 -13.24 8.32
N PRO A 80 3.53 -14.38 8.32
CA PRO A 80 3.13 -15.00 7.05
C PRO A 80 2.36 -14.04 6.13
N SER A 81 1.61 -13.09 6.69
CA SER A 81 0.89 -12.11 5.88
C SER A 81 1.82 -11.20 5.09
N ASN A 82 3.06 -11.08 5.57
CA ASN A 82 4.08 -10.24 4.93
C ASN A 82 5.04 -10.99 4.01
N ALA A 83 4.77 -12.26 3.71
CA ALA A 83 5.65 -13.02 2.83
C ALA A 83 5.79 -12.34 1.48
N GLY A 84 7.03 -12.10 1.04
CA GLY A 84 7.33 -11.38 -0.19
C GLY A 84 7.78 -9.94 0.02
N LEU A 85 7.40 -9.35 1.15
CA LEU A 85 7.71 -7.95 1.38
C LEU A 85 9.20 -7.74 1.67
N GLN A 86 9.90 -8.82 2.03
CA GLN A 86 11.33 -8.73 2.22
C GLN A 86 12.02 -8.18 0.97
N ASN A 87 11.43 -8.40 -0.20
CA ASN A 87 11.98 -7.84 -1.42
C ASN A 87 11.98 -6.30 -1.40
N GLY A 88 10.88 -5.72 -0.92
CA GLY A 88 10.75 -4.29 -0.74
C GLY A 88 11.72 -3.75 0.31
N PHE A 89 11.87 -4.47 1.41
CA PHE A 89 12.80 -4.07 2.45
C PHE A 89 14.23 -4.04 1.94
N LYS A 90 14.62 -5.07 1.18
CA LYS A 90 15.96 -5.13 0.62
C LYS A 90 16.21 -3.98 -0.39
N PHE A 91 15.18 -3.65 -1.16
CA PHE A 91 15.24 -2.51 -2.08
C PHE A 91 15.55 -1.21 -1.32
N LEU A 92 14.87 -1.01 -0.20
CA LEU A 92 15.02 0.19 0.59
C LEU A 92 16.30 0.26 1.41
N GLU A 93 16.98 -0.85 1.61
CA GLU A 93 18.20 -0.86 2.43
C GLU A 93 19.28 0.14 1.95
N PRO A 94 19.67 0.13 0.68
CA PRO A 94 20.65 1.13 0.23
C PRO A 94 20.17 2.55 0.35
N ILE A 95 18.85 2.76 0.27
CA ILE A 95 18.31 4.08 0.45
C ILE A 95 18.52 4.53 1.90
N HIS A 96 18.27 3.64 2.84
CA HIS A 96 18.44 3.98 4.25
C HIS A 96 19.92 4.22 4.55
N LYS A 97 20.80 3.47 3.90
CA LYS A 97 22.26 3.71 4.08
C LYS A 97 22.69 5.09 3.60
N GLU A 98 22.11 5.56 2.50
CA GLU A 98 22.41 6.86 1.92
C GLU A 98 21.84 8.00 2.78
N PHE A 99 20.72 7.73 3.46
CA PHE A 99 20.03 8.74 4.29
C PHE A 99 19.76 8.15 5.67
N PRO A 100 20.79 7.91 6.47
CA PRO A 100 20.57 7.22 7.75
C PRO A 100 19.70 8.00 8.74
N TRP A 101 19.56 9.32 8.51
CA TRP A 101 18.78 10.15 9.42
C TRP A 101 17.27 9.93 9.36
N ILE A 102 16.77 9.31 8.29
CA ILE A 102 15.32 9.07 8.18
C ILE A 102 14.87 7.90 9.06
N SER A 103 13.71 8.03 9.70
CA SER A 103 13.16 6.93 10.48
C SER A 103 12.68 5.79 9.58
N SER A 104 12.59 4.60 10.16
CA SER A 104 12.14 3.43 9.41
C SER A 104 10.70 3.60 8.92
N GLY A 105 9.79 4.05 9.77
CA GLY A 105 8.40 4.26 9.36
C GLY A 105 8.28 5.33 8.28
N ASP A 106 9.05 6.38 8.40
CA ASP A 106 9.05 7.41 7.32
C ASP A 106 9.55 6.80 6.01
N LEU A 107 10.62 6.00 6.06
CA LEU A 107 11.16 5.42 4.84
C LEU A 107 10.15 4.45 4.20
N PHE A 108 9.57 3.57 4.99
CA PHE A 108 8.67 2.55 4.42
C PHE A 108 7.44 3.20 3.81
N SER A 109 6.88 4.19 4.51
CA SER A 109 5.70 4.88 4.00
C SER A 109 6.05 5.72 2.77
N LEU A 110 7.17 6.43 2.82
CA LEU A 110 7.61 7.20 1.67
C LEU A 110 7.85 6.31 0.44
N GLY A 111 8.30 5.08 0.63
CA GLY A 111 8.48 4.17 -0.49
C GLY A 111 7.19 3.94 -1.24
N GLY A 112 6.09 3.79 -0.51
CA GLY A 112 4.79 3.65 -1.16
C GLY A 112 4.29 4.88 -1.92
N VAL A 113 4.45 6.06 -1.32
CA VAL A 113 4.11 7.33 -1.98
C VAL A 113 4.93 7.47 -3.27
N THR A 114 6.23 7.22 -3.17
CA THR A 114 7.12 7.35 -4.31
C THR A 114 6.69 6.43 -5.43
N ALA A 115 6.40 5.18 -5.06
CA ALA A 115 5.99 4.20 -6.05
C ALA A 115 4.71 4.61 -6.78
N VAL A 116 3.70 5.04 -6.05
CA VAL A 116 2.45 5.45 -6.69
C VAL A 116 2.71 6.61 -7.66
N GLN A 117 3.46 7.62 -7.24
CA GLN A 117 3.65 8.78 -8.09
C GLN A 117 4.49 8.44 -9.33
N GLU A 118 5.53 7.64 -9.14
CA GLU A 118 6.43 7.29 -10.24
C GLU A 118 5.74 6.34 -11.24
N MET A 119 4.74 5.60 -10.78
CA MET A 119 3.87 4.81 -11.66
C MET A 119 2.73 5.63 -12.32
N GLN A 120 2.85 6.96 -12.28
CA GLN A 120 1.92 7.89 -12.93
C GLN A 120 0.57 8.00 -12.21
N GLY A 121 0.58 7.63 -10.93
CA GLY A 121 -0.58 7.77 -10.07
C GLY A 121 -0.75 9.21 -9.58
N PRO A 122 -1.73 9.40 -8.71
CA PRO A 122 -1.98 10.73 -8.15
C PRO A 122 -0.84 11.17 -7.23
N LYS A 123 -0.69 12.46 -7.05
CA LYS A 123 0.14 12.96 -5.96
C LYS A 123 -0.47 12.52 -4.63
N ILE A 124 0.35 12.00 -3.73
CA ILE A 124 -0.10 11.67 -2.38
C ILE A 124 0.66 12.53 -1.37
N PRO A 125 -0.01 13.46 -0.70
CA PRO A 125 0.67 14.25 0.32
C PRO A 125 1.21 13.32 1.40
N TRP A 126 2.38 13.66 1.96
CA TRP A 126 3.10 12.80 2.88
C TRP A 126 3.69 13.67 3.97
N ARG A 127 3.56 13.22 5.21
CA ARG A 127 4.08 13.92 6.38
C ARG A 127 5.20 13.12 7.01
N CYS A 128 6.25 13.80 7.43
CA CYS A 128 7.34 13.17 8.16
C CYS A 128 7.07 13.16 9.66
N GLY A 129 7.94 12.44 10.38
CA GLY A 129 7.93 12.47 11.83
C GLY A 129 7.61 11.20 12.57
N ARG A 130 7.48 10.09 11.85
CA ARG A 130 7.38 8.81 12.50
C ARG A 130 8.71 8.57 13.22
N VAL A 131 8.65 7.96 14.41
CA VAL A 131 9.84 7.76 15.23
C VAL A 131 9.98 6.26 15.55
N ASP A 132 11.16 5.68 15.33
CA ASP A 132 11.36 4.26 15.59
C ASP A 132 11.06 3.98 17.07
N THR A 133 10.29 2.92 17.33
CA THR A 133 10.05 2.45 18.70
C THR A 133 10.64 1.06 18.90
N PRO A 134 10.82 0.66 20.17
CA PRO A 134 11.55 -0.59 20.47
C PRO A 134 10.87 -1.90 20.08
N GLU A 135 11.64 -2.97 20.11
CA GLU A 135 11.16 -4.28 19.63
C GLU A 135 9.91 -4.77 20.33
N ASP A 136 9.74 -4.42 21.60
CA ASP A 136 8.57 -4.86 22.34
C ASP A 136 7.28 -4.12 21.97
N THR A 137 7.36 -3.13 21.06
CA THR A 137 6.17 -2.43 20.55
C THR A 137 5.67 -3.02 19.23
N THR A 138 6.37 -4.05 18.75
CA THR A 138 5.99 -4.72 17.51
C THR A 138 4.67 -5.45 17.72
N PRO A 139 3.68 -5.22 16.85
CA PRO A 139 2.39 -5.92 16.98
C PRO A 139 2.53 -7.40 16.65
N ASP A 140 1.75 -8.23 17.33
CA ASP A 140 1.68 -9.64 16.99
C ASP A 140 1.15 -9.82 15.56
N ASN A 141 1.53 -10.95 14.97
CA ASN A 141 0.97 -11.39 13.69
C ASN A 141 -0.54 -11.58 13.81
N GLY A 142 -1.24 -11.47 12.68
CA GLY A 142 -2.65 -11.79 12.61
C GLY A 142 -3.56 -10.61 12.49
N ARG A 143 -2.96 -9.42 12.35
CA ARG A 143 -3.70 -8.18 12.24
C ARG A 143 -3.98 -7.74 10.80
N LEU A 144 -3.35 -8.39 9.82
CA LEU A 144 -3.58 -8.05 8.41
C LEU A 144 -4.66 -8.99 7.87
N PRO A 145 -5.34 -8.61 6.79
CA PRO A 145 -6.58 -9.29 6.41
C PRO A 145 -6.41 -10.59 5.64
N ASP A 146 -7.32 -11.54 5.90
CA ASP A 146 -7.48 -12.75 5.11
C ASP A 146 -8.10 -12.43 3.74
N ALA A 147 -7.78 -13.25 2.73
CA ALA A 147 -8.27 -13.06 1.36
C ALA A 147 -9.45 -13.94 0.99
N ASP A 148 -9.77 -14.93 1.83
CA ASP A 148 -10.78 -15.93 1.49
C ASP A 148 -12.18 -15.62 1.98
N LYS A 149 -12.44 -14.36 2.26
CA LYS A 149 -13.62 -13.91 2.99
C LYS A 149 -14.55 -13.06 2.11
N ASP A 150 -15.66 -12.61 2.67
CA ASP A 150 -16.71 -11.89 1.97
C ASP A 150 -16.75 -10.40 2.32
N ALA A 151 -17.74 -9.69 1.80
CA ALA A 151 -17.81 -8.25 1.95
C ALA A 151 -17.98 -7.83 3.40
N GLY A 152 -18.79 -8.57 4.16
CA GLY A 152 -18.95 -8.24 5.56
C GLY A 152 -17.65 -8.30 6.36
N TYR A 153 -16.81 -9.30 6.04
CA TYR A 153 -15.50 -9.42 6.65
C TYR A 153 -14.64 -8.20 6.29
N VAL A 154 -14.63 -7.83 5.02
CA VAL A 154 -13.85 -6.68 4.56
C VAL A 154 -14.26 -5.41 5.29
N ARG A 155 -15.56 -5.17 5.36
CA ARG A 155 -16.08 -3.98 6.03
C ARG A 155 -15.69 -3.96 7.52
N THR A 156 -15.83 -5.09 8.21
CA THR A 156 -15.48 -5.18 9.61
C THR A 156 -13.98 -5.01 9.83
N PHE A 157 -13.20 -5.62 8.96
CA PHE A 157 -11.76 -5.52 9.09
C PHE A 157 -11.33 -4.05 9.01
N PHE A 158 -11.80 -3.35 7.98
CA PHE A 158 -11.32 -2.00 7.70
C PHE A 158 -11.85 -0.97 8.68
N GLN A 159 -12.93 -1.29 9.38
CA GLN A 159 -13.38 -0.41 10.44
C GLN A 159 -12.39 -0.33 11.59
N ARG A 160 -11.58 -1.36 11.78
CA ARG A 160 -10.51 -1.30 12.78
C ARG A 160 -9.47 -0.22 12.44
N LEU A 161 -9.36 0.10 11.15
CA LEU A 161 -8.47 1.15 10.63
C LEU A 161 -9.20 2.46 10.37
N ASN A 162 -10.41 2.58 10.89
CA ASN A 162 -11.27 3.71 10.64
C ASN A 162 -11.53 4.07 9.19
N MET A 163 -11.55 3.06 8.35
CA MET A 163 -11.87 3.24 6.94
C MET A 163 -13.32 2.89 6.68
N ASN A 164 -13.97 3.76 5.93
CA ASN A 164 -15.37 3.58 5.52
C ASN A 164 -15.47 2.97 4.12
N ASP A 165 -16.68 2.76 3.63
CA ASP A 165 -16.88 2.04 2.38
C ASP A 165 -16.12 2.66 1.22
N ARG A 166 -16.21 3.99 1.04
CA ARG A 166 -15.54 4.64 -0.09
C ARG A 166 -14.02 4.45 0.02
N GLU A 167 -13.50 4.58 1.23
CA GLU A 167 -12.06 4.41 1.47
C GLU A 167 -11.58 3.00 1.17
N VAL A 168 -12.36 1.99 1.56
CA VAL A 168 -12.06 0.59 1.30
C VAL A 168 -12.03 0.36 -0.21
N VAL A 169 -13.08 0.79 -0.91
CA VAL A 169 -13.14 0.52 -2.34
C VAL A 169 -11.98 1.23 -3.08
N ALA A 170 -11.70 2.48 -2.71
CA ALA A 170 -10.59 3.22 -3.31
C ALA A 170 -9.25 2.54 -3.04
N LEU A 171 -8.99 2.16 -1.80
CA LEU A 171 -7.73 1.49 -1.47
C LEU A 171 -7.51 0.20 -2.26
N MET A 172 -8.60 -0.54 -2.47
CA MET A 172 -8.47 -1.83 -3.13
C MET A 172 -8.07 -1.70 -4.59
N GLY A 173 -8.25 -0.51 -5.18
CA GLY A 173 -7.84 -0.28 -6.56
C GLY A 173 -6.35 -0.46 -6.79
N ALA A 174 -5.56 -0.43 -5.70
CA ALA A 174 -4.15 -0.80 -5.77
C ALA A 174 -3.92 -2.23 -6.27
N HIS A 175 -4.94 -3.08 -6.25
CA HIS A 175 -4.81 -4.43 -6.77
C HIS A 175 -4.72 -4.53 -8.30
N ALA A 176 -4.85 -3.40 -9.00
CA ALA A 176 -4.42 -3.33 -10.39
C ALA A 176 -2.91 -3.56 -10.52
N LEU A 177 -2.18 -3.23 -9.48
CA LEU A 177 -0.71 -3.25 -9.49
C LEU A 177 -0.16 -4.63 -9.18
N GLY A 178 0.93 -4.98 -9.87
CA GLY A 178 1.68 -6.15 -9.45
C GLY A 178 0.93 -7.44 -9.74
N LYS A 179 1.04 -8.37 -8.82
CA LYS A 179 0.35 -9.66 -8.95
C LYS A 179 0.34 -10.43 -7.64
N THR A 180 -0.52 -11.44 -7.56
CA THR A 180 -0.40 -12.46 -6.52
C THR A 180 0.60 -13.50 -6.98
N HIS A 181 1.36 -14.03 -6.03
CA HIS A 181 2.37 -15.05 -6.27
C HIS A 181 2.07 -16.27 -5.42
N LEU A 182 1.94 -17.43 -6.05
CA LEU A 182 1.49 -18.60 -5.32
C LEU A 182 2.36 -18.92 -4.09
N LYS A 183 3.68 -18.74 -4.20
CA LYS A 183 4.59 -19.09 -3.10
C LYS A 183 4.53 -18.13 -1.91
N ASN A 184 4.05 -16.91 -2.15
CA ASN A 184 3.91 -15.92 -1.07
C ASN A 184 2.60 -16.10 -0.32
N SER A 185 1.49 -16.16 -1.07
CA SER A 185 0.15 -15.99 -0.48
C SER A 185 -0.83 -17.14 -0.76
N GLY A 186 -0.47 -18.05 -1.65
CA GLY A 186 -1.37 -19.11 -2.07
C GLY A 186 -2.39 -18.67 -3.10
N TYR A 187 -2.10 -17.57 -3.78
CA TYR A 187 -2.89 -17.05 -4.89
C TYR A 187 -1.95 -16.73 -6.05
N GLU A 188 -2.44 -16.85 -7.30
CA GLU A 188 -1.60 -16.61 -8.46
C GLU A 188 -2.29 -15.78 -9.54
N GLY A 189 -1.59 -14.74 -10.01
CA GLY A 189 -1.99 -14.00 -11.19
C GLY A 189 -2.16 -12.51 -10.95
N PRO A 190 -2.19 -11.75 -12.05
CA PRO A 190 -2.36 -10.29 -12.01
C PRO A 190 -3.84 -9.90 -12.01
N GLY A 191 -4.17 -8.70 -11.58
CA GLY A 191 -5.51 -8.16 -11.69
C GLY A 191 -5.87 -7.59 -13.05
N GLY A 192 -4.87 -7.41 -13.92
CA GLY A 192 -5.09 -6.75 -15.21
C GLY A 192 -3.81 -6.68 -16.03
N ALA A 193 -3.86 -5.92 -17.13
CA ALA A 193 -2.75 -5.81 -18.06
C ALA A 193 -1.72 -4.77 -17.67
N ALA A 194 -2.19 -3.64 -17.17
CA ALA A 194 -1.32 -2.53 -16.82
C ALA A 194 -1.01 -2.63 -15.35
N ASN A 195 0.00 -3.43 -15.04
CA ASN A 195 0.28 -3.73 -13.64
C ASN A 195 1.48 -3.02 -13.05
N ASN A 196 2.07 -2.08 -13.79
CA ASN A 196 3.04 -1.18 -13.18
C ASN A 196 2.84 0.28 -13.56
N VAL A 197 1.60 0.61 -13.97
CA VAL A 197 1.15 1.99 -14.21
C VAL A 197 -0.16 2.10 -13.43
N PHE A 198 -0.31 3.16 -12.65
CA PHE A 198 -1.44 3.31 -11.76
C PHE A 198 -2.65 3.81 -12.54
N THR A 199 -3.71 3.00 -12.57
CA THR A 199 -4.94 3.32 -13.33
C THR A 199 -6.13 2.77 -12.57
N ASN A 200 -7.34 3.03 -13.09
CA ASN A 200 -8.59 2.46 -12.55
C ASN A 200 -8.96 1.07 -13.14
N GLU A 201 -7.98 0.37 -13.70
CA GLU A 201 -8.23 -0.92 -14.33
C GLU A 201 -8.90 -1.97 -13.44
N PHE A 202 -8.59 -1.96 -12.14
CA PHE A 202 -9.16 -2.94 -11.22
C PHE A 202 -10.69 -2.93 -11.30
N TYR A 203 -11.29 -1.74 -11.33
CA TYR A 203 -12.74 -1.59 -11.32
C TYR A 203 -13.33 -1.97 -12.67
N LEU A 204 -12.68 -1.53 -13.74
CA LEU A 204 -13.11 -1.87 -15.08
C LEU A 204 -13.13 -3.38 -15.23
N ASN A 205 -12.08 -4.05 -14.77
CA ASN A 205 -11.98 -5.51 -14.89
C ASN A 205 -13.01 -6.23 -14.03
N LEU A 206 -13.25 -5.76 -12.82
CA LEU A 206 -14.29 -6.35 -11.99
C LEU A 206 -15.63 -6.38 -12.72
N LEU A 207 -15.95 -5.28 -13.38
CA LEU A 207 -17.26 -5.13 -14.01
C LEU A 207 -17.37 -5.77 -15.38
N ASN A 208 -16.27 -5.84 -16.11
CA ASN A 208 -16.34 -6.14 -17.56
C ASN A 208 -15.81 -7.51 -17.94
N GLU A 209 -15.02 -8.15 -17.07
CA GLU A 209 -14.46 -9.46 -17.39
C GLU A 209 -15.48 -10.53 -17.10
N ASP A 210 -15.30 -11.67 -17.76
CA ASP A 210 -16.08 -12.88 -17.54
C ASP A 210 -15.34 -13.76 -16.51
N TRP A 211 -15.75 -13.64 -15.26
CA TRP A 211 -15.06 -14.27 -14.13
C TRP A 211 -15.60 -15.68 -13.87
N LYS A 212 -14.68 -16.60 -13.67
CA LYS A 212 -14.99 -17.99 -13.31
C LYS A 212 -14.34 -18.35 -11.97
N LEU A 213 -15.15 -18.76 -11.01
CA LEU A 213 -14.60 -19.24 -9.74
C LEU A 213 -13.88 -20.58 -9.93
N GLU A 214 -12.63 -20.63 -9.50
CA GLU A 214 -11.77 -21.82 -9.63
C GLU A 214 -10.96 -22.06 -8.38
N LYS A 215 -10.50 -23.28 -8.20
CA LYS A 215 -9.42 -23.55 -7.25
C LYS A 215 -8.08 -23.43 -7.94
N ASN A 216 -7.11 -22.87 -7.23
CA ASN A 216 -5.77 -22.73 -7.77
C ASN A 216 -4.90 -23.91 -7.32
N ASP A 217 -3.63 -23.90 -7.68
CA ASP A 217 -2.72 -25.00 -7.37
C ASP A 217 -2.36 -25.12 -5.87
N ALA A 218 -2.69 -24.10 -5.07
CA ALA A 218 -2.59 -24.16 -3.62
C ALA A 218 -3.92 -24.53 -2.95
N ASN A 219 -4.88 -24.93 -3.78
CA ASN A 219 -6.22 -25.32 -3.36
C ASN A 219 -7.09 -24.22 -2.74
N ASN A 220 -6.79 -22.98 -3.09
CA ASN A 220 -7.59 -21.85 -2.64
C ASN A 220 -8.48 -21.36 -3.77
N GLU A 221 -9.67 -20.87 -3.43
CA GLU A 221 -10.58 -20.34 -4.43
C GLU A 221 -10.16 -18.93 -4.86
N GLN A 222 -10.19 -18.71 -6.17
CA GLN A 222 -10.03 -17.36 -6.73
C GLN A 222 -10.85 -17.26 -8.00
N TRP A 223 -11.12 -16.04 -8.43
CA TRP A 223 -11.94 -15.76 -9.62
C TRP A 223 -11.02 -15.39 -10.77
N ASP A 224 -11.14 -16.12 -11.88
CA ASP A 224 -10.19 -16.06 -12.98
C ASP A 224 -10.93 -15.66 -14.26
N SER A 225 -10.31 -14.84 -15.09
CA SER A 225 -10.98 -14.42 -16.33
C SER A 225 -10.30 -15.03 -17.54
N LYS A 226 -11.00 -14.97 -18.67
CA LYS A 226 -10.51 -15.54 -19.91
C LYS A 226 -9.26 -14.82 -20.36
N SER A 227 -9.12 -13.57 -19.92
CA SER A 227 -7.96 -12.74 -20.25
C SER A 227 -6.71 -13.07 -19.43
N GLY A 228 -6.81 -13.97 -18.46
CA GLY A 228 -5.68 -14.30 -17.60
C GLY A 228 -5.52 -13.41 -16.39
N TYR A 229 -6.62 -12.78 -15.95
CA TYR A 229 -6.61 -11.94 -14.75
C TYR A 229 -7.26 -12.72 -13.60
N MET A 230 -7.06 -12.25 -12.40
CA MET A 230 -7.63 -12.85 -11.20
C MET A 230 -8.12 -11.81 -10.20
N MET A 231 -9.03 -12.26 -9.35
CA MET A 231 -9.55 -11.54 -8.22
C MET A 231 -9.62 -12.47 -7.02
N LEU A 232 -9.21 -12.00 -5.85
CA LEU A 232 -9.38 -12.73 -4.59
C LEU A 232 -10.86 -12.72 -4.25
N PRO A 233 -11.33 -13.66 -3.45
CA PRO A 233 -12.70 -13.55 -2.91
C PRO A 233 -13.02 -12.17 -2.31
N THR A 234 -12.08 -11.56 -1.58
CA THR A 234 -12.29 -10.22 -1.01
C THR A 234 -12.39 -9.12 -2.06
N ASP A 235 -11.65 -9.26 -3.17
CA ASP A 235 -11.79 -8.34 -4.30
C ASP A 235 -13.18 -8.47 -4.93
N TYR A 236 -13.58 -9.71 -5.22
CA TYR A 236 -14.84 -10.00 -5.88
C TYR A 236 -16.03 -9.58 -5.01
N SER A 237 -15.83 -9.57 -3.70
CA SER A 237 -16.89 -9.17 -2.77
C SER A 237 -17.32 -7.71 -3.03
N LEU A 238 -16.46 -6.90 -3.62
CA LEU A 238 -16.79 -5.50 -3.91
C LEU A 238 -17.87 -5.35 -4.99
N ILE A 239 -18.11 -6.38 -5.80
CA ILE A 239 -19.25 -6.34 -6.72
C ILE A 239 -20.42 -7.21 -6.26
N GLN A 240 -20.26 -7.93 -5.14
CA GLN A 240 -21.35 -8.69 -4.52
C GLN A 240 -22.15 -7.86 -3.53
N ASP A 241 -21.50 -6.94 -2.81
CA ASP A 241 -22.15 -6.08 -1.84
C ASP A 241 -22.71 -4.87 -2.59
N PRO A 242 -23.98 -4.53 -2.40
CA PRO A 242 -24.57 -3.44 -3.19
C PRO A 242 -23.94 -2.06 -2.94
N LYS A 243 -23.51 -1.81 -1.72
CA LYS A 243 -22.88 -0.52 -1.41
C LYS A 243 -21.50 -0.45 -2.08
N TYR A 244 -20.71 -1.52 -1.97
CA TYR A 244 -19.41 -1.52 -2.62
C TYR A 244 -19.56 -1.42 -4.15
N LEU A 245 -20.57 -2.11 -4.71
CA LEU A 245 -20.74 -2.14 -6.17
C LEU A 245 -20.98 -0.75 -6.73
N SER A 246 -21.79 0.04 -6.05
CA SER A 246 -22.07 1.39 -6.50
C SER A 246 -20.77 2.19 -6.65
N ILE A 247 -19.86 2.03 -5.69
CA ILE A 247 -18.61 2.79 -5.70
C ILE A 247 -17.64 2.23 -6.77
N VAL A 248 -17.58 0.92 -6.92
CA VAL A 248 -16.83 0.32 -8.02
C VAL A 248 -17.25 0.93 -9.37
N LYS A 249 -18.55 1.06 -9.61
CA LYS A 249 -19.02 1.65 -10.89
C LYS A 249 -18.58 3.10 -11.02
N GLU A 250 -18.61 3.83 -9.93
CA GLU A 250 -18.16 5.23 -9.95
C GLU A 250 -16.71 5.34 -10.40
N TYR A 251 -15.85 4.48 -9.86
CA TYR A 251 -14.42 4.55 -10.15
C TYR A 251 -14.09 3.97 -11.52
N ALA A 252 -14.85 2.96 -11.96
CA ALA A 252 -14.69 2.44 -13.32
C ALA A 252 -15.01 3.52 -14.35
N ASN A 253 -15.99 4.36 -14.03
CA ASN A 253 -16.44 5.42 -14.93
C ASN A 253 -15.58 6.68 -14.88
N ASP A 254 -14.85 6.89 -13.78
CA ASP A 254 -14.15 8.16 -13.57
C ASP A 254 -12.82 7.93 -12.85
N GLN A 255 -11.75 7.77 -13.62
CA GLN A 255 -10.41 7.54 -13.05
C GLN A 255 -9.95 8.72 -12.20
N ASP A 256 -10.30 9.94 -12.59
CA ASP A 256 -9.85 11.11 -11.84
C ASP A 256 -10.43 11.10 -10.43
N LYS A 257 -11.69 10.68 -10.30
CA LYS A 257 -12.35 10.58 -8.99
C LYS A 257 -11.68 9.49 -8.16
N PHE A 258 -11.40 8.34 -8.78
CA PHE A 258 -10.64 7.30 -8.13
C PHE A 258 -9.29 7.86 -7.61
N PHE A 259 -8.56 8.57 -8.46
CA PHE A 259 -7.24 9.09 -8.07
C PHE A 259 -7.34 9.99 -6.83
N LYS A 260 -8.33 10.86 -6.81
CA LYS A 260 -8.55 11.79 -5.72
C LYS A 260 -8.89 11.05 -4.42
N ASP A 261 -9.77 10.07 -4.52
CA ASP A 261 -10.18 9.30 -3.34
C ASP A 261 -9.08 8.36 -2.85
N PHE A 262 -8.32 7.78 -3.77
CA PHE A 262 -7.21 6.91 -3.39
C PHE A 262 -6.16 7.73 -2.65
N SER A 263 -5.86 8.92 -3.17
CA SER A 263 -4.83 9.75 -2.55
C SER A 263 -5.16 10.08 -1.09
N LYS A 264 -6.41 10.46 -0.84
CA LYS A 264 -6.86 10.76 0.53
C LYS A 264 -6.80 9.51 1.41
N ALA A 265 -7.34 8.41 0.91
CA ALA A 265 -7.41 7.18 1.69
C ALA A 265 -6.02 6.62 2.04
N PHE A 266 -5.11 6.66 1.06
CA PHE A 266 -3.77 6.18 1.24
C PHE A 266 -2.99 7.04 2.23
N GLU A 267 -3.12 8.36 2.14
CA GLU A 267 -2.51 9.22 3.15
C GLU A 267 -3.09 8.90 4.55
N LYS A 268 -4.41 8.75 4.64
CA LYS A 268 -5.06 8.45 5.92
C LYS A 268 -4.51 7.15 6.51
N LEU A 269 -4.41 6.13 5.67
CA LEU A 269 -3.89 4.82 6.07
C LEU A 269 -2.48 4.96 6.67
N LEU A 270 -1.63 5.70 5.94
CA LEU A 270 -0.23 5.88 6.33
C LEU A 270 -0.05 6.76 7.57
N GLU A 271 -1.09 7.52 7.93
CA GLU A 271 -1.02 8.44 9.06
C GLU A 271 -1.80 7.97 10.28
N ASN A 272 -2.55 6.87 10.15
CA ASN A 272 -3.35 6.40 11.28
C ASN A 272 -2.43 6.19 12.49
N GLY A 273 -2.89 6.62 13.66
CA GLY A 273 -2.17 6.43 14.91
C GLY A 273 -1.25 7.58 15.27
N ILE A 274 -1.03 8.50 14.33
CA ILE A 274 -0.06 9.59 14.51
C ILE A 274 -0.79 10.88 14.82
N THR A 275 -0.33 11.55 15.90
CA THR A 275 -0.77 12.89 16.24
C THR A 275 0.24 13.88 15.71
N PHE A 276 -0.20 14.75 14.80
CA PHE A 276 0.62 15.80 14.24
C PHE A 276 0.37 17.09 15.00
N PRO A 277 1.42 17.60 15.65
CA PRO A 277 1.29 18.86 16.40
C PRO A 277 0.77 19.94 15.47
N LYS A 278 0.02 20.89 16.02
CA LYS A 278 -0.67 21.87 15.17
C LYS A 278 0.34 22.80 14.45
N ASP A 279 1.57 22.80 14.96
CA ASP A 279 2.72 23.56 14.45
C ASP A 279 3.69 22.74 13.52
N ALA A 280 3.34 21.49 13.27
CA ALA A 280 4.11 20.62 12.37
C ALA A 280 4.11 21.20 10.95
N PRO A 281 5.08 20.83 10.13
CA PRO A 281 5.07 21.24 8.73
C PRO A 281 3.78 20.78 8.05
N SER A 282 3.30 21.54 7.09
CA SER A 282 2.23 21.06 6.25
C SER A 282 2.69 19.82 5.48
N PRO A 283 1.74 18.98 5.04
CA PRO A 283 2.10 17.80 4.25
C PRO A 283 2.90 18.20 3.02
N PHE A 284 3.89 17.37 2.72
CA PHE A 284 4.74 17.53 1.56
C PHE A 284 4.13 16.90 0.33
N ILE A 285 4.26 17.57 -0.81
CA ILE A 285 3.94 16.98 -2.10
C ILE A 285 5.21 16.97 -2.91
N PHE A 286 5.75 15.78 -3.10
CA PHE A 286 7.01 15.61 -3.79
C PHE A 286 6.84 15.68 -5.29
N LYS A 287 7.83 16.31 -5.92
CA LYS A 287 7.93 16.33 -7.37
C LYS A 287 8.38 14.96 -7.85
N THR A 288 7.84 14.51 -8.99
CA THR A 288 8.35 13.31 -9.63
C THR A 288 9.74 13.61 -10.20
N LEU A 289 10.46 12.55 -10.56
CA LEU A 289 11.74 12.73 -11.25
C LEU A 289 11.52 13.53 -12.53
N GLU A 290 10.49 13.18 -13.27
CA GLU A 290 10.16 13.87 -14.52
C GLU A 290 9.94 15.37 -14.30
N GLU A 291 9.23 15.73 -13.24
CA GLU A 291 8.98 17.13 -12.95
C GLU A 291 10.28 17.90 -12.64
N GLN A 292 11.31 17.20 -12.19
CA GLN A 292 12.60 17.80 -11.83
C GLN A 292 13.64 17.71 -12.97
N GLY A 293 13.31 17.04 -14.06
CA GLY A 293 14.27 16.81 -15.14
C GLY A 293 15.38 15.83 -14.80
N LEU A 294 15.10 14.90 -13.89
CA LEU A 294 16.05 13.91 -13.42
C LEU A 294 15.75 12.51 -13.95
CHA HEM B . -0.97 -8.10 -3.20
CHB HEM B . -4.51 -9.50 -0.17
CHC HEM B . -5.69 -4.83 0.55
CHD HEM B . -1.91 -3.44 -2.15
C1A HEM B . -1.82 -8.85 -2.42
C2A HEM B . -1.74 -10.29 -2.29
C3A HEM B . -2.72 -10.69 -1.47
C4A HEM B . -3.44 -9.51 -1.03
CMA HEM B . -3.06 -12.12 -1.03
CAA HEM B . -0.70 -11.16 -3.02
CBA HEM B . 0.63 -11.18 -2.25
CGA HEM B . 1.61 -12.03 -3.01
O1A HEM B . 1.29 -13.22 -3.34
O2A HEM B . 2.74 -11.55 -3.32
C1B HEM B . -5.16 -8.35 0.25
C2B HEM B . -6.37 -8.30 1.04
C3B HEM B . -6.71 -7.02 1.22
C4B HEM B . -5.71 -6.20 0.58
CMB HEM B . -7.10 -9.56 1.54
CAB HEM B . -7.87 -6.42 1.98
CBB HEM B . -9.04 -7.06 2.09
C1C HEM B . -4.69 -4.06 -0.05
C2C HEM B . -4.54 -2.62 0.09
C3C HEM B . -3.49 -2.22 -0.65
C4C HEM B . -2.95 -3.41 -1.27
CMC HEM B . -5.45 -1.78 0.99
CAC HEM B . -2.85 -0.84 -0.82
CBC HEM B . -3.52 0.28 -1.00
C1D HEM B . -1.40 -4.57 -2.76
C2D HEM B . -0.43 -4.56 -3.85
C3D HEM B . -0.13 -5.98 -4.18
C4D HEM B . -0.94 -6.73 -3.27
CMD HEM B . 0.13 -3.32 -4.50
CAD HEM B . 0.83 -6.44 -5.25
CBD HEM B . 2.17 -6.82 -4.61
CGD HEM B . 3.19 -7.37 -5.57
O1D HEM B . 4.28 -7.79 -5.10
O2D HEM B . 2.95 -7.37 -6.80
NA HEM B . -2.85 -8.41 -1.60
NB HEM B . -4.79 -7.04 -0.03
NC HEM B . -3.70 -4.51 -0.89
ND HEM B . -1.70 -5.89 -2.46
FE HEM B . -3.31 -6.44 -1.33
O7 BVG C . -7.11 -8.31 -8.29
C6 BVG C . -5.78 -8.78 -8.37
C4 BVG C . -5.16 -8.83 -6.99
N5 BVG C . -3.86 -8.57 -6.75
N3 BVG C . -5.78 -9.09 -5.83
C2 BVG C . -4.85 -9.04 -4.84
C1 BVG C . -3.65 -8.71 -5.42
#